data_5QIU
#
_entry.id   5QIU
#
_cell.length_a   47.444
_cell.length_b   58.427
_cell.length_c   50.140
_cell.angle_alpha   90.000
_cell.angle_beta   116.280
_cell.angle_gamma   90.000
#
_symmetry.space_group_name_H-M   'P 1 21 1'
#
loop_
_entity.id
_entity.type
_entity.pdbx_description
1 polymer 'Ubiquitin thioesterase OTUB2'
2 non-polymer N-{3-[3-(trifluoromethyl)phenyl]prop-2-yn-1-yl}acetamide
3 non-polymer 1,2-ETHANEDIOL
4 non-polymer 'UNKNOWN LIGAND'
5 water water
#
_entity_poly.entity_id   1
_entity_poly.type   'polypeptide(L)'
_entity_poly.pdbx_seq_one_letter_code
;FNLISEKCDILSILRDHPENRIYRRKIEELSKRFTAIRKTKGDRNCFYRALGYSYLESLLGKSREIFKFKERVLQTPNDL
LAAGFEEHKFRNFFNAFYSVVELVEKDGSVSSLLKVFNDQSASDHIVQFLRLLTSAFIRNRADFFRHFIDEEMDIKDFCT
HEVEPMATECDHIQITALSQALSIALQVEYVDEMDTALNHHVFPEAATPSVYLLYKTSHYNILYA
;
_entity_poly.pdbx_strand_id   A
#
# COMPACT_ATOMS: atom_id res chain seq x y z
N PHE A 1 19.01 -1.53 -1.44
CA PHE A 1 17.66 -2.14 -1.19
C PHE A 1 17.24 -1.86 0.28
N ASN A 2 17.42 -0.61 0.75
CA ASN A 2 17.17 -0.25 2.12
C ASN A 2 15.70 0.08 2.36
N LEU A 3 14.91 0.35 1.32
CA LEU A 3 13.46 0.66 1.54
C LEU A 3 12.55 -0.53 1.16
N ILE A 4 12.87 -1.24 0.09
CA ILE A 4 12.18 -2.46 -0.34
C ILE A 4 13.22 -3.50 -0.76
N SER A 5 13.17 -4.68 -0.13
CA SER A 5 14.20 -5.75 -0.25
C SER A 5 14.02 -6.57 -1.53
N GLU A 6 15.05 -7.35 -1.80
CA GLU A 6 15.04 -8.48 -2.67
C GLU A 6 14.03 -9.53 -2.15
N LYS A 7 13.58 -10.41 -3.05
CA LYS A 7 12.65 -11.47 -2.65
C LYS A 7 13.40 -12.54 -1.86
N CYS A 8 12.77 -13.02 -0.79
CA CYS A 8 13.29 -14.13 0.04
C CYS A 8 12.22 -15.23 0.18
N ASP A 9 12.67 -16.45 0.48
CA ASP A 9 11.80 -17.58 0.83
C ASP A 9 11.00 -17.20 2.07
N ILE A 10 9.72 -17.59 2.10
CA ILE A 10 8.75 -17.22 3.20
C ILE A 10 9.36 -17.66 4.53
N LEU A 11 9.99 -18.85 4.58
CA LEU A 11 10.45 -19.40 5.91
C LEU A 11 11.69 -18.64 6.46
N SER A 12 12.31 -17.77 5.65
CA SER A 12 13.44 -16.94 6.10
C SER A 12 13.04 -15.98 7.25
N ILE A 13 11.74 -15.71 7.44
CA ILE A 13 11.32 -14.83 8.53
C ILE A 13 11.11 -15.57 9.86
N LEU A 14 11.29 -16.91 9.93
CA LEU A 14 11.30 -17.62 11.24
C LEU A 14 12.34 -17.00 12.19
N ARG A 15 13.48 -16.56 11.64
CA ARG A 15 14.58 -16.06 12.43
C ARG A 15 14.22 -14.74 13.13
N ASP A 16 13.13 -14.07 12.73
CA ASP A 16 12.74 -12.79 13.32
C ASP A 16 12.05 -12.95 14.67
N HIS A 17 11.57 -14.17 15.01
CA HIS A 17 10.89 -14.53 16.27
C HIS A 17 11.29 -15.93 16.70
N PRO A 18 12.59 -16.14 17.03
CA PRO A 18 13.06 -17.47 17.36
C PRO A 18 12.44 -17.94 18.68
N GLU A 19 12.20 -19.25 18.79
CA GLU A 19 11.67 -19.78 20.09
C GLU A 19 10.36 -19.04 20.47
N ASN A 20 9.48 -18.88 19.48
CA ASN A 20 8.15 -18.32 19.73
C ASN A 20 7.12 -19.22 19.04
N ARG A 21 6.42 -20.07 19.82
CA ARG A 21 5.64 -21.19 19.32
C ARG A 21 4.57 -20.71 18.35
N ILE A 22 3.91 -19.61 18.71
CA ILE A 22 2.72 -19.10 17.96
C ILE A 22 3.18 -18.50 16.62
N TYR A 23 4.23 -17.65 16.64
CA TYR A 23 4.82 -17.11 15.41
C TYR A 23 5.28 -18.24 14.48
N ARG A 24 5.97 -19.24 15.04
CA ARG A 24 6.50 -20.32 14.24
C ARG A 24 5.31 -21.04 13.58
N ARG A 25 4.24 -21.32 14.36
CA ARG A 25 3.07 -22.04 13.83
C ARG A 25 2.45 -21.27 12.64
N LYS A 26 2.23 -19.97 12.85
CA LYS A 26 1.50 -19.15 11.89
C LYS A 26 2.36 -18.93 10.64
N ILE A 27 3.68 -18.75 10.81
CA ILE A 27 4.54 -18.62 9.62
C ILE A 27 4.60 -19.93 8.82
N GLU A 28 4.71 -21.08 9.50
CA GLU A 28 4.67 -22.38 8.76
C GLU A 28 3.35 -22.52 7.95
N GLU A 29 2.22 -22.15 8.56
CA GLU A 29 0.90 -22.19 7.89
CA GLU A 29 0.90 -22.21 7.86
C GLU A 29 0.91 -21.25 6.67
N LEU A 30 1.43 -20.05 6.89
CA LEU A 30 1.53 -19.05 5.80
C LEU A 30 2.32 -19.59 4.60
N SER A 31 3.40 -20.35 4.88
CA SER A 31 4.26 -20.90 3.85
C SER A 31 3.54 -21.93 2.94
N LYS A 32 2.40 -22.49 3.38
CA LYS A 32 1.61 -23.43 2.56
C LYS A 32 0.87 -22.71 1.43
N ARG A 33 0.66 -21.38 1.58
CA ARG A 33 -0.20 -20.59 0.65
C ARG A 33 0.65 -19.57 -0.12
N PHE A 34 1.80 -19.16 0.44
CA PHE A 34 2.68 -18.15 -0.19
C PHE A 34 4.11 -18.68 -0.29
N THR A 35 4.83 -18.30 -1.35
CA THR A 35 6.21 -18.82 -1.62
C THR A 35 7.32 -17.84 -1.23
N ALA A 36 7.07 -16.53 -1.31
CA ALA A 36 8.14 -15.54 -1.16
C ALA A 36 7.62 -14.28 -0.46
N ILE A 37 8.58 -13.48 0.05
CA ILE A 37 8.29 -12.25 0.75
C ILE A 37 9.33 -11.18 0.36
N ARG A 38 8.91 -9.90 0.32
CA ARG A 38 9.85 -8.76 0.28
C ARG A 38 9.58 -7.93 1.53
N LYS A 39 10.66 -7.49 2.15
CA LYS A 39 10.58 -6.71 3.37
C LYS A 39 10.63 -5.21 3.02
N THR A 40 9.92 -4.42 3.83
CA THR A 40 9.93 -2.95 3.81
C THR A 40 10.60 -2.34 5.06
N LYS A 41 11.11 -1.12 4.89
CA LYS A 41 11.65 -0.32 5.99
C LYS A 41 10.49 0.11 6.89
N GLY A 42 10.65 -0.11 8.20
CA GLY A 42 9.64 0.23 9.22
C GLY A 42 9.76 1.67 9.71
N ASP A 43 9.41 2.63 8.86
CA ASP A 43 9.65 4.09 9.13
C ASP A 43 8.33 4.88 9.34
N ARG A 44 7.18 4.19 9.43
CA ARG A 44 5.85 4.78 9.49
C ARG A 44 5.18 4.93 8.12
N ASN A 45 5.90 4.67 7.02
CA ASN A 45 5.40 4.85 5.65
C ASN A 45 5.15 3.50 4.93
N CYS A 46 5.37 2.38 5.64
CA CYS A 46 5.51 1.08 5.02
C CYS A 46 4.21 0.64 4.30
N PHE A 47 3.02 1.06 4.75
CA PHE A 47 1.79 0.66 3.99
C PHE A 47 1.76 1.25 2.58
N TYR A 48 1.92 2.58 2.49
CA TYR A 48 1.88 3.33 1.22
C TYR A 48 2.99 2.84 0.29
N ARG A 49 4.19 2.68 0.84
CA ARG A 49 5.35 2.26 0.06
C ARG A 49 5.16 0.83 -0.49
N ALA A 50 4.69 -0.10 0.35
CA ALA A 50 4.44 -1.50 -0.03
C ALA A 50 3.31 -1.59 -1.08
N LEU A 51 2.18 -0.91 -0.82
CA LEU A 51 1.05 -0.98 -1.78
C LEU A 51 1.48 -0.41 -3.16
N GLY A 52 2.14 0.78 -3.18
CA GLY A 52 2.63 1.37 -4.40
C GLY A 52 3.51 0.43 -5.21
N TYR A 53 4.54 -0.13 -4.56
CA TYR A 53 5.51 -1.00 -5.26
C TYR A 53 4.80 -2.26 -5.76
N SER A 54 4.10 -2.96 -4.89
CA SER A 54 3.51 -4.28 -5.26
C SER A 54 2.43 -4.14 -6.35
N TYR A 55 1.58 -3.10 -6.27
CA TYR A 55 0.57 -2.90 -7.35
C TYR A 55 1.22 -2.61 -8.70
N LEU A 56 2.17 -1.65 -8.73
CA LEU A 56 2.82 -1.33 -9.99
C LEU A 56 3.59 -2.55 -10.53
N GLU A 57 4.23 -3.31 -9.64
CA GLU A 57 4.94 -4.62 -10.07
C GLU A 57 3.95 -5.58 -10.77
N SER A 58 2.73 -5.66 -10.23
CA SER A 58 1.68 -6.58 -10.78
C SER A 58 1.21 -6.16 -12.18
N LEU A 59 1.42 -4.89 -12.54
CA LEU A 59 0.96 -4.34 -13.85
C LEU A 59 1.97 -4.67 -14.97
N LEU A 60 3.23 -4.99 -14.61
CA LEU A 60 4.31 -5.09 -15.62
C LEU A 60 3.92 -6.06 -16.75
N GLY A 61 4.02 -5.57 -18.01
CA GLY A 61 3.77 -6.34 -19.24
C GLY A 61 2.30 -6.47 -19.62
N LYS A 62 1.39 -5.87 -18.85
CA LYS A 62 -0.11 -5.96 -19.10
C LYS A 62 -0.60 -4.65 -19.73
N SER A 63 -0.66 -4.61 -21.07
CA SER A 63 -0.80 -3.31 -21.78
C SER A 63 -2.18 -2.69 -21.58
N ARG A 64 -3.25 -3.49 -21.51
CA ARG A 64 -4.62 -2.91 -21.32
C ARG A 64 -4.76 -2.38 -19.89
N GLU A 65 -4.25 -3.13 -18.92
CA GLU A 65 -4.37 -2.77 -17.49
C GLU A 65 -3.56 -1.49 -17.17
N ILE A 66 -2.37 -1.37 -17.77
CA ILE A 66 -1.56 -0.17 -17.65
C ILE A 66 -2.33 1.03 -18.27
N PHE A 67 -2.88 0.88 -19.48
CA PHE A 67 -3.63 2.00 -20.14
C PHE A 67 -4.76 2.47 -19.23
N LYS A 68 -5.56 1.52 -18.71
CA LYS A 68 -6.69 1.87 -17.80
C LYS A 68 -6.21 2.59 -16.51
N PHE A 69 -5.09 2.14 -15.93
CA PHE A 69 -4.62 2.73 -14.70
C PHE A 69 -4.09 4.17 -14.92
N LYS A 70 -3.28 4.34 -15.97
CA LYS A 70 -2.81 5.66 -16.42
C LYS A 70 -4.01 6.63 -16.61
N GLU A 71 -5.10 6.16 -17.25
CA GLU A 71 -6.32 7.00 -17.45
C GLU A 71 -6.85 7.45 -16.09
N ARG A 72 -6.87 6.57 -15.09
CA ARG A 72 -7.37 6.99 -13.77
C ARG A 72 -6.41 8.00 -13.08
N VAL A 73 -5.11 7.70 -13.09
CA VAL A 73 -4.07 8.57 -12.51
C VAL A 73 -4.12 9.99 -13.11
N LEU A 74 -4.35 10.13 -14.43
CA LEU A 74 -4.45 11.46 -15.05
C LEU A 74 -5.62 12.30 -14.47
N GLN A 75 -6.66 11.65 -13.95
CA GLN A 75 -7.80 12.37 -13.35
C GLN A 75 -7.59 12.73 -11.87
N THR A 76 -6.62 12.12 -11.17
CA THR A 76 -6.44 12.31 -9.70
C THR A 76 -6.20 13.78 -9.33
N PRO A 77 -5.56 14.66 -10.16
CA PRO A 77 -5.45 16.07 -9.77
C PRO A 77 -6.82 16.69 -9.46
N ASN A 78 -7.85 16.22 -10.18
CA ASN A 78 -9.22 16.74 -9.97
C ASN A 78 -9.74 16.39 -8.59
N ASP A 79 -9.46 15.15 -8.12
CA ASP A 79 -9.84 14.74 -6.76
C ASP A 79 -9.18 15.67 -5.73
N LEU A 80 -7.88 15.95 -5.91
CA LEU A 80 -7.09 16.83 -4.98
C LEU A 80 -7.67 18.24 -4.95
N LEU A 81 -8.00 18.77 -6.13
CA LEU A 81 -8.51 20.12 -6.25
C LEU A 81 -9.89 20.22 -5.60
N ALA A 82 -10.74 19.21 -5.83
CA ALA A 82 -12.09 19.20 -5.25
C ALA A 82 -12.08 19.19 -3.71
N ALA A 83 -10.99 18.65 -3.09
CA ALA A 83 -10.86 18.56 -1.58
C ALA A 83 -10.12 19.78 -0.97
N GLY A 84 -9.73 20.73 -1.84
CA GLY A 84 -9.13 22.03 -1.48
C GLY A 84 -7.61 22.07 -1.45
N PHE A 85 -6.93 21.06 -2.02
CA PHE A 85 -5.46 21.11 -2.24
C PHE A 85 -5.21 22.00 -3.47
N GLU A 86 -4.12 22.76 -3.41
CA GLU A 86 -3.71 23.68 -4.49
C GLU A 86 -2.69 23.02 -5.43
N GLU A 87 -2.84 23.23 -6.74
CA GLU A 87 -2.02 22.57 -7.73
C GLU A 87 -0.55 22.83 -7.48
N HIS A 88 -0.17 24.09 -7.19
CA HIS A 88 1.24 24.38 -7.06
C HIS A 88 1.83 23.67 -5.82
N LYS A 89 0.98 23.23 -4.88
CA LYS A 89 1.46 22.50 -3.72
C LYS A 89 1.48 20.95 -3.91
N PHE A 90 0.75 20.38 -4.87
CA PHE A 90 0.78 18.92 -5.07
C PHE A 90 1.53 18.53 -6.34
N ARG A 91 1.89 19.54 -7.17
CA ARG A 91 2.50 19.32 -8.53
C ARG A 91 3.70 18.35 -8.44
N ASN A 92 4.62 18.60 -7.49
CA ASN A 92 5.90 17.87 -7.48
C ASN A 92 5.62 16.37 -7.16
N PHE A 93 4.60 16.14 -6.35
CA PHE A 93 4.22 14.77 -5.86
C PHE A 93 3.46 13.99 -6.96
N PHE A 94 2.47 14.64 -7.60
CA PHE A 94 1.76 14.08 -8.75
C PHE A 94 2.79 13.72 -9.85
N ASN A 95 3.71 14.64 -10.18
CA ASN A 95 4.61 14.38 -11.30
C ASN A 95 5.49 13.14 -11.02
N ALA A 96 5.93 12.98 -9.77
CA ALA A 96 6.74 11.80 -9.40
C ALA A 96 5.93 10.49 -9.55
N PHE A 97 4.67 10.48 -9.17
CA PHE A 97 3.81 9.26 -9.33
C PHE A 97 3.54 9.00 -10.82
N TYR A 98 3.20 10.05 -11.61
CA TYR A 98 2.94 9.85 -13.02
C TYR A 98 4.19 9.29 -13.70
N SER A 99 5.36 9.76 -13.27
CA SER A 99 6.65 9.32 -13.90
C SER A 99 6.88 7.81 -13.70
N VAL A 100 6.65 7.30 -12.49
CA VAL A 100 6.88 5.85 -12.21
C VAL A 100 5.83 5.01 -12.95
N VAL A 101 4.61 5.54 -13.19
CA VAL A 101 3.61 4.84 -14.00
C VAL A 101 4.07 4.73 -15.46
N GLU A 102 4.59 5.83 -16.02
CA GLU A 102 5.24 5.78 -17.38
C GLU A 102 6.42 4.77 -17.43
N LEU A 103 7.23 4.68 -16.35
CA LEU A 103 8.34 3.70 -16.29
C LEU A 103 7.79 2.27 -16.45
N VAL A 104 6.71 1.94 -15.76
CA VAL A 104 6.02 0.63 -15.88
C VAL A 104 5.68 0.34 -17.36
N GLU A 105 5.15 1.35 -18.07
CA GLU A 105 4.76 1.25 -19.46
C GLU A 105 6.00 1.15 -20.38
N LYS A 106 6.98 2.05 -20.22
CA LYS A 106 8.04 2.25 -21.23
C LYS A 106 9.23 1.27 -21.02
N ASP A 107 9.61 1.04 -19.78
CA ASP A 107 10.75 0.25 -19.41
C ASP A 107 10.29 -1.18 -19.12
N GLY A 108 9.39 -1.32 -18.15
CA GLY A 108 8.73 -2.61 -17.88
C GLY A 108 9.53 -3.64 -17.08
N SER A 109 10.66 -3.26 -16.48
CA SER A 109 11.50 -4.24 -15.72
C SER A 109 11.28 -4.11 -14.21
N VAL A 110 11.34 -5.25 -13.49
CA VAL A 110 11.35 -5.26 -12.02
C VAL A 110 12.53 -4.40 -11.52
N SER A 111 13.70 -4.54 -12.16
CA SER A 111 14.92 -3.91 -11.65
CA SER A 111 14.94 -3.92 -11.70
C SER A 111 14.80 -2.39 -11.66
N SER A 112 14.24 -1.81 -12.73
CA SER A 112 14.01 -0.35 -12.82
C SER A 112 13.02 0.14 -11.76
N LEU A 113 11.95 -0.61 -11.56
CA LEU A 113 10.90 -0.22 -10.61
C LEU A 113 11.46 -0.27 -9.18
N LEU A 114 12.24 -1.33 -8.88
CA LEU A 114 12.82 -1.48 -7.53
C LEU A 114 13.82 -0.36 -7.24
N LYS A 115 14.57 0.07 -8.26
CA LYS A 115 15.53 1.21 -8.12
C LYS A 115 14.79 2.51 -7.74
N VAL A 116 13.69 2.83 -8.44
CA VAL A 116 12.89 4.05 -8.05
C VAL A 116 12.38 3.92 -6.60
N PHE A 117 11.87 2.75 -6.23
CA PHE A 117 11.25 2.66 -4.87
C PHE A 117 12.31 2.61 -3.75
N ASN A 118 13.58 2.34 -4.09
CA ASN A 118 14.72 2.42 -3.15
C ASN A 118 15.49 3.75 -3.24
N ASP A 119 15.13 4.64 -4.17
CA ASP A 119 15.66 6.03 -4.25
C ASP A 119 14.89 6.84 -3.21
N GLN A 120 15.59 7.31 -2.18
CA GLN A 120 14.90 7.95 -1.03
C GLN A 120 14.01 9.11 -1.51
N SER A 121 14.54 9.94 -2.40
CA SER A 121 13.82 11.13 -2.94
C SER A 121 12.58 10.69 -3.77
N ALA A 122 12.77 9.89 -4.81
CA ALA A 122 11.60 9.50 -5.65
C ALA A 122 10.54 8.78 -4.82
N SER A 123 11.00 7.82 -4.00
CA SER A 123 10.13 6.94 -3.22
C SER A 123 9.31 7.76 -2.23
N ASP A 124 9.96 8.71 -1.54
CA ASP A 124 9.25 9.56 -0.57
C ASP A 124 8.29 10.53 -1.27
N HIS A 125 8.60 10.98 -2.50
CA HIS A 125 7.67 11.85 -3.26
C HIS A 125 6.41 11.02 -3.62
N ILE A 126 6.62 9.76 -4.03
CA ILE A 126 5.54 8.82 -4.36
C ILE A 126 4.66 8.61 -3.10
N VAL A 127 5.26 8.27 -1.93
CA VAL A 127 4.47 8.09 -0.70
C VAL A 127 3.67 9.36 -0.37
N GLN A 128 4.29 10.55 -0.48
CA GLN A 128 3.55 11.76 -0.13
C GLN A 128 2.32 11.98 -1.05
N PHE A 129 2.50 11.70 -2.35
CA PHE A 129 1.36 11.74 -3.32
C PHE A 129 0.23 10.81 -2.86
N LEU A 130 0.61 9.54 -2.58
CA LEU A 130 -0.44 8.56 -2.13
C LEU A 130 -1.16 9.03 -0.85
N ARG A 131 -0.43 9.66 0.06
CA ARG A 131 -1.05 10.20 1.29
C ARG A 131 -2.03 11.35 0.95
N LEU A 132 -1.63 12.28 0.06
CA LEU A 132 -2.54 13.40 -0.28
C LEU A 132 -3.81 12.88 -0.96
N LEU A 133 -3.65 11.88 -1.85
CA LEU A 133 -4.81 11.28 -2.59
C LEU A 133 -5.76 10.59 -1.60
N THR A 134 -5.18 9.83 -0.65
CA THR A 134 -5.96 9.18 0.44
C THR A 134 -6.81 10.23 1.19
N SER A 135 -6.15 11.32 1.64
CA SER A 135 -6.83 12.42 2.33
C SER A 135 -7.95 13.05 1.49
N ALA A 136 -7.66 13.36 0.22
CA ALA A 136 -8.67 13.92 -0.66
C ALA A 136 -9.90 13.00 -0.80
N PHE A 137 -9.66 11.70 -1.02
CA PHE A 137 -10.75 10.76 -1.29
C PHE A 137 -11.69 10.68 -0.06
N ILE A 138 -11.09 10.71 1.16
CA ILE A 138 -11.84 10.67 2.42
C ILE A 138 -12.63 11.96 2.56
N ARG A 139 -11.98 13.09 2.33
CA ARG A 139 -12.67 14.38 2.57
C ARG A 139 -13.86 14.52 1.62
N ASN A 140 -13.69 14.12 0.35
CA ASN A 140 -14.72 14.26 -0.68
C ASN A 140 -15.93 13.35 -0.41
N ARG A 141 -15.74 12.31 0.43
CA ARG A 141 -16.77 11.34 0.80
C ARG A 141 -16.90 11.22 2.34
N ALA A 142 -16.91 12.38 3.00
CA ALA A 142 -16.95 12.38 4.47
C ALA A 142 -18.17 11.63 5.02
N ASP A 143 -19.35 11.76 4.36
CA ASP A 143 -20.61 11.14 4.87
C ASP A 143 -20.47 9.62 4.85
N PHE A 144 -19.79 9.07 3.82
CA PHE A 144 -19.58 7.60 3.67
C PHE A 144 -18.67 7.07 4.77
N PHE A 145 -17.57 7.77 5.05
CA PHE A 145 -16.67 7.36 6.10
C PHE A 145 -17.44 7.49 7.46
N ARG A 146 -18.10 8.62 7.76
CA ARG A 146 -18.99 8.66 8.98
C ARG A 146 -20.13 7.59 8.99
N HIS A 147 -20.78 7.34 7.84
CA HIS A 147 -21.98 6.44 7.83
C HIS A 147 -21.54 5.02 8.19
N PHE A 148 -20.47 4.58 7.50
CA PHE A 148 -20.07 3.18 7.46
C PHE A 148 -18.92 2.91 8.44
N ILE A 149 -18.12 3.92 8.81
CA ILE A 149 -16.92 3.65 9.69
C ILE A 149 -17.23 4.16 11.11
N ASP A 150 -17.70 5.39 11.25
CA ASP A 150 -17.74 5.94 12.62
C ASP A 150 -18.49 7.28 12.63
N GLU A 151 -19.77 7.22 13.07
CA GLU A 151 -20.69 8.37 13.09
C GLU A 151 -20.10 9.50 13.94
N GLU A 152 -19.19 9.19 14.88
CA GLU A 152 -18.75 10.18 15.95
C GLU A 152 -17.44 10.91 15.59
N MET A 153 -16.64 10.33 14.64
CA MET A 153 -15.27 10.83 14.31
C MET A 153 -15.34 12.20 13.61
N ASP A 154 -14.26 13.02 13.85
CA ASP A 154 -14.00 14.30 13.15
C ASP A 154 -13.09 14.17 11.89
N ILE A 155 -13.70 14.18 10.69
CA ILE A 155 -12.99 13.75 9.44
C ILE A 155 -11.82 14.67 9.10
N LYS A 156 -12.04 15.99 9.16
CA LYS A 156 -11.00 16.94 8.72
C LYS A 156 -9.74 16.84 9.60
N ASP A 157 -9.96 16.74 10.91
CA ASP A 157 -8.91 16.64 11.91
C ASP A 157 -8.17 15.31 11.72
N PHE A 158 -8.92 14.24 11.45
CA PHE A 158 -8.32 12.93 11.19
C PHE A 158 -7.37 12.98 9.97
N CYS A 159 -7.81 13.56 8.87
CA CYS A 159 -6.98 13.57 7.66
C CYS A 159 -5.71 14.43 7.88
N THR A 160 -5.89 15.55 8.58
CA THR A 160 -4.79 16.51 8.92
C THR A 160 -3.70 15.82 9.76
N HIS A 161 -4.09 14.95 10.69
CA HIS A 161 -3.14 14.47 11.69
C HIS A 161 -2.65 13.04 11.42
N GLU A 162 -3.48 12.21 10.75
CA GLU A 162 -3.25 10.75 10.67
C GLU A 162 -3.20 10.23 9.24
N VAL A 163 -3.29 11.13 8.25
CA VAL A 163 -3.16 10.72 6.81
C VAL A 163 -2.05 11.52 6.11
N GLU A 164 -2.14 12.85 6.14
CA GLU A 164 -1.29 13.75 5.32
C GLU A 164 0.17 13.67 5.73
N PRO A 165 0.51 13.69 7.03
CA PRO A 165 1.92 13.80 7.39
C PRO A 165 2.72 12.51 7.13
N MET A 166 3.93 12.66 6.61
CA MET A 166 4.83 11.54 6.53
C MET A 166 5.01 10.87 7.91
N ALA A 167 5.16 9.55 7.86
CA ALA A 167 5.45 8.65 8.97
C ALA A 167 4.25 8.36 9.86
N THR A 168 3.02 8.78 9.51
CA THR A 168 1.83 8.45 10.33
C THR A 168 1.30 7.06 9.93
N GLU A 169 1.03 6.21 10.93
CA GLU A 169 0.51 4.81 10.77
C GLU A 169 -0.95 4.82 10.29
N CYS A 170 -1.31 3.77 9.56
CA CYS A 170 -2.59 3.55 8.91
CA CYS A 170 -2.68 3.78 9.09
C CYS A 170 -3.48 2.71 9.84
N ASP A 171 -4.77 2.70 9.58
CA ASP A 171 -5.75 1.79 10.09
C ASP A 171 -6.64 1.38 8.89
N HIS A 172 -7.74 0.65 9.17
CA HIS A 172 -8.69 0.19 8.10
C HIS A 172 -9.18 1.35 7.22
N ILE A 173 -9.42 2.55 7.81
CA ILE A 173 -9.97 3.65 6.99
C ILE A 173 -9.02 4.03 5.82
N GLN A 174 -7.71 4.18 6.10
CA GLN A 174 -6.75 4.61 5.06
C GLN A 174 -6.62 3.50 4.02
N ILE A 175 -6.63 2.23 4.45
CA ILE A 175 -6.50 1.10 3.50
C ILE A 175 -7.71 1.07 2.55
N THR A 176 -8.93 1.19 3.11
CA THR A 176 -10.18 1.21 2.31
C THR A 176 -10.16 2.38 1.32
N ALA A 177 -9.79 3.56 1.81
CA ALA A 177 -9.84 4.77 1.02
C ALA A 177 -8.85 4.74 -0.16
N LEU A 178 -7.58 4.33 0.08
CA LEU A 178 -6.60 4.30 -1.04
C LEU A 178 -6.95 3.18 -2.04
N SER A 179 -7.42 2.03 -1.55
CA SER A 179 -7.94 0.91 -2.40
C SER A 179 -9.03 1.43 -3.37
N GLN A 180 -10.01 2.18 -2.83
CA GLN A 180 -11.11 2.74 -3.63
C GLN A 180 -10.58 3.84 -4.55
N ALA A 181 -9.65 4.68 -4.08
CA ALA A 181 -9.19 5.86 -4.86
C ALA A 181 -8.45 5.42 -6.14
N LEU A 182 -7.83 4.25 -6.12
CA LEU A 182 -7.01 3.79 -7.25
C LEU A 182 -7.52 2.45 -7.84
N SER A 183 -8.67 1.96 -7.38
CA SER A 183 -9.26 0.69 -7.78
C SER A 183 -8.28 -0.48 -7.63
N ILE A 184 -7.53 -0.48 -6.51
CA ILE A 184 -6.59 -1.55 -6.21
C ILE A 184 -7.23 -2.53 -5.22
N ALA A 185 -7.34 -3.80 -5.62
CA ALA A 185 -7.84 -4.85 -4.75
C ALA A 185 -6.69 -5.49 -4.00
N LEU A 186 -6.78 -5.55 -2.67
CA LEU A 186 -5.69 -6.16 -1.89
C LEU A 186 -6.23 -7.03 -0.76
N GLN A 187 -5.38 -7.96 -0.34
CA GLN A 187 -5.63 -8.86 0.79
C GLN A 187 -4.50 -8.69 1.81
N VAL A 188 -4.88 -8.54 3.10
CA VAL A 188 -3.97 -8.42 4.22
C VAL A 188 -4.11 -9.67 5.10
N GLU A 189 -2.99 -10.36 5.28
CA GLU A 189 -2.87 -11.52 6.20
C GLU A 189 -2.44 -11.01 7.58
N TYR A 190 -3.11 -11.45 8.65
CA TYR A 190 -2.80 -10.95 10.02
C TYR A 190 -2.07 -12.03 10.85
N VAL A 191 -0.85 -11.69 11.30
CA VAL A 191 -0.07 -12.55 12.18
C VAL A 191 0.20 -11.81 13.50
N ASP A 192 -0.58 -12.13 14.54
CA ASP A 192 -0.38 -11.58 15.89
C ASP A 192 0.10 -12.70 16.84
N GLU A 193 0.32 -12.38 18.12
CA GLU A 193 0.91 -13.37 19.05
C GLU A 193 -0.16 -14.07 19.90
N MET A 194 -1.44 -13.99 19.52
CA MET A 194 -2.49 -14.73 20.20
C MET A 194 -2.67 -16.10 19.54
N ASP A 195 -3.15 -17.08 20.31
CA ASP A 195 -3.25 -18.46 19.87
C ASP A 195 -4.56 -18.65 19.12
N THR A 196 -4.59 -18.07 17.93
CA THR A 196 -5.82 -17.90 17.15
C THR A 196 -5.53 -18.37 15.72
N ALA A 197 -6.56 -18.39 14.86
CA ALA A 197 -6.40 -18.76 13.49
C ALA A 197 -5.65 -17.67 12.73
N LEU A 198 -4.68 -18.06 11.90
CA LEU A 198 -4.20 -17.17 10.83
C LEU A 198 -5.41 -16.78 9.97
N ASN A 199 -5.55 -15.48 9.69
CA ASN A 199 -6.79 -14.95 9.06
C ASN A 199 -6.42 -13.77 8.16
N HIS A 200 -7.36 -13.41 7.26
CA HIS A 200 -7.13 -12.30 6.32
C HIS A 200 -8.40 -11.50 6.07
N HIS A 201 -8.23 -10.33 5.43
CA HIS A 201 -9.37 -9.46 4.99
C HIS A 201 -9.07 -9.00 3.57
N VAL A 202 -10.11 -8.96 2.72
CA VAL A 202 -9.98 -8.49 1.35
C VAL A 202 -10.64 -7.13 1.23
N PHE A 203 -9.98 -6.21 0.51
CA PHE A 203 -10.44 -4.85 0.27
C PHE A 203 -10.55 -4.60 -1.23
N PRO A 204 -11.76 -4.47 -1.79
CA PRO A 204 -13.07 -4.63 -1.17
C PRO A 204 -13.45 -6.11 -1.04
N GLU A 205 -14.48 -6.44 -0.23
CA GLU A 205 -14.68 -7.84 0.28
C GLU A 205 -14.93 -8.82 -0.87
N ALA A 206 -15.45 -8.33 -2.01
CA ALA A 206 -15.91 -9.27 -3.00
C ALA A 206 -14.85 -9.51 -4.09
N ALA A 207 -13.64 -8.94 -3.96
CA ALA A 207 -12.69 -8.78 -5.10
C ALA A 207 -11.68 -9.92 -5.19
N THR A 208 -11.06 -10.03 -6.37
CA THR A 208 -9.90 -10.86 -6.57
C THR A 208 -8.67 -9.97 -6.41
N PRO A 209 -7.82 -10.23 -5.40
CA PRO A 209 -6.72 -9.31 -5.14
C PRO A 209 -5.59 -9.33 -6.18
N SER A 210 -4.97 -8.16 -6.34
CA SER A 210 -3.74 -7.92 -7.11
CA SER A 210 -3.75 -8.07 -7.12
C SER A 210 -2.52 -8.04 -6.19
N VAL A 211 -2.71 -7.60 -4.94
CA VAL A 211 -1.64 -7.37 -3.95
C VAL A 211 -1.97 -8.19 -2.71
N TYR A 212 -0.96 -8.87 -2.13
CA TYR A 212 -1.06 -9.55 -0.81
C TYR A 212 -0.01 -8.91 0.13
N LEU A 213 -0.44 -8.50 1.33
CA LEU A 213 0.47 -7.96 2.37
C LEU A 213 0.37 -8.79 3.65
N LEU A 214 1.49 -8.86 4.39
CA LEU A 214 1.56 -9.49 5.73
C LEU A 214 1.66 -8.37 6.78
N TYR A 215 0.70 -8.34 7.72
CA TYR A 215 0.70 -7.40 8.83
C TYR A 215 1.09 -8.10 10.14
N LYS A 216 2.15 -7.58 10.77
CA LYS A 216 2.73 -8.18 11.99
C LYS A 216 3.50 -7.06 12.71
N THR A 217 3.26 -6.88 14.02
CA THR A 217 3.99 -5.89 14.84
C THR A 217 3.91 -4.48 14.20
N SER A 218 2.71 -4.04 13.78
CA SER A 218 2.45 -2.71 13.17
C SER A 218 3.14 -2.51 11.80
N HIS A 219 3.57 -3.59 11.16
CA HIS A 219 4.48 -3.49 10.00
C HIS A 219 3.89 -4.31 8.82
N TYR A 220 3.95 -3.75 7.61
CA TYR A 220 3.43 -4.41 6.36
C TYR A 220 4.60 -4.82 5.47
N ASN A 221 4.65 -6.11 5.13
CA ASN A 221 5.59 -6.68 4.14
C ASN A 221 4.77 -7.24 2.96
N ILE A 222 5.46 -7.51 1.84
CA ILE A 222 4.81 -7.92 0.62
C ILE A 222 4.90 -9.46 0.48
N LEU A 223 3.77 -10.10 0.19
CA LEU A 223 3.74 -11.54 -0.07
C LEU A 223 3.47 -11.84 -1.54
N TYR A 224 3.94 -13.04 -1.95
CA TYR A 224 3.79 -13.61 -3.30
C TYR A 224 3.12 -14.97 -3.20
N ALA A 225 2.00 -15.14 -3.94
CA ALA A 225 1.25 -16.44 -3.95
C ALA A 225 2.10 -17.51 -4.64
#